data_6X45
#
_entry.id   6X45
#
_cell.length_a   53.543
_cell.length_b   54.458
_cell.length_c   80.119
_cell.angle_alpha   90.000
_cell.angle_beta   90.000
_cell.angle_gamma   90.000
#
_symmetry.space_group_name_H-M   'P 21 21 2'
#
loop_
_entity.id
_entity.type
_entity.pdbx_description
1 polymer "Spike protein S2'"
2 polymer "Spike protein S2'"
3 water water
#
loop_
_entity_poly.entity_id
_entity_poly.type
_entity_poly.pdbx_seq_one_letter_code
_entity_poly.pdbx_strand_id
1 'polypeptide(L)' (ACE)DISQINASVVNIEYEIKKLEEVAKKLEESLIDLQEL(NH2) E,D,F
2 'polypeptide(L)' (ACE)TQNVLYENQKLIANQFNSAIGKIQDSLSSTASALGKLQDVVNQNAQALNTLVKQL(NH2) C,B,A
#
# COMPACT_ATOMS: atom_id res chain seq x y z
N ASP A 2 0.59 37.02 -12.69
CA ASP A 2 1.17 35.95 -11.89
C ASP A 2 0.15 35.43 -10.88
N ILE A 3 -0.28 36.30 -9.97
CA ILE A 3 -1.30 35.92 -8.99
C ILE A 3 -2.66 35.84 -9.69
N SER A 4 -3.56 35.04 -9.10
CA SER A 4 -4.88 34.71 -9.61
C SER A 4 -4.77 33.65 -10.70
N GLN A 5 -3.57 33.23 -11.07
CA GLN A 5 -3.34 32.15 -12.01
C GLN A 5 -2.80 30.89 -11.35
N ILE A 6 -2.54 30.92 -10.05
CA ILE A 6 -2.05 29.76 -9.32
C ILE A 6 -3.22 28.86 -8.97
N ASN A 7 -3.05 27.56 -9.15
CA ASN A 7 -4.12 26.60 -8.92
C ASN A 7 -3.57 25.36 -8.24
N ALA A 8 -4.28 24.87 -7.24
CA ALA A 8 -3.94 23.64 -6.55
C ALA A 8 -4.78 22.51 -7.11
N SER A 9 -4.14 21.45 -7.58
CA SER A 9 -4.84 20.30 -8.14
C SER A 9 -5.38 19.41 -7.02
N VAL A 10 -6.47 18.71 -7.33
CA VAL A 10 -7.02 17.69 -6.47
C VAL A 10 -6.56 16.33 -6.98
N VAL A 11 -6.57 15.33 -6.10
CA VAL A 11 -6.20 13.97 -6.45
C VAL A 11 -7.44 13.10 -6.46
N ASN A 12 -7.41 12.04 -7.27
CA ASN A 12 -8.51 11.09 -7.36
C ASN A 12 -7.93 9.68 -7.47
N ILE A 13 -8.00 8.93 -6.38
CA ILE A 13 -7.51 7.54 -6.37
C ILE A 13 -8.63 6.63 -5.90
N GLU A 14 -9.88 7.05 -6.10
CA GLU A 14 -11.01 6.26 -5.62
C GLU A 14 -11.04 4.87 -6.24
N TYR A 15 -10.57 4.73 -7.48
CA TYR A 15 -10.58 3.42 -8.12
C TYR A 15 -9.56 2.49 -7.49
N GLU A 16 -8.34 2.99 -7.24
CA GLU A 16 -7.33 2.16 -6.60
C GLU A 16 -7.77 1.74 -5.21
N ILE A 17 -8.37 2.66 -4.45
CA ILE A 17 -8.86 2.33 -3.12
C ILE A 17 -9.95 1.25 -3.21
N LYS A 18 -10.87 1.41 -4.15
CA LYS A 18 -11.92 0.41 -4.32
C LYS A 18 -11.34 -0.93 -4.77
N LYS A 19 -10.24 -0.91 -5.52
CA LYS A 19 -9.63 -2.15 -5.97
C LYS A 19 -8.97 -2.89 -4.81
N LEU A 20 -8.25 -2.17 -3.94
CA LEU A 20 -7.62 -2.83 -2.80
C LEU A 20 -8.66 -3.51 -1.92
N GLU A 21 -9.78 -2.82 -1.66
CA GLU A 21 -10.82 -3.41 -0.81
C GLU A 21 -11.49 -4.61 -1.48
N GLU A 22 -11.48 -4.66 -2.81
CA GLU A 22 -12.05 -5.81 -3.51
C GLU A 22 -11.08 -6.99 -3.51
N VAL A 23 -9.79 -6.72 -3.70
CA VAL A 23 -8.80 -7.79 -3.66
C VAL A 23 -8.80 -8.44 -2.28
N ALA A 24 -8.99 -7.65 -1.23
CA ALA A 24 -9.01 -8.19 0.12
C ALA A 24 -10.10 -9.24 0.27
N LYS A 25 -11.32 -8.93 -0.19
CA LYS A 25 -12.41 -9.88 -0.10
C LYS A 25 -12.26 -11.01 -1.11
N LYS A 26 -11.63 -10.73 -2.26
CA LYS A 26 -11.45 -11.77 -3.26
C LYS A 26 -10.44 -12.83 -2.81
N LEU A 27 -9.48 -12.45 -1.96
CA LEU A 27 -8.56 -13.43 -1.42
C LEU A 27 -9.27 -14.45 -0.53
N GLU A 28 -10.45 -14.11 -0.01
CA GLU A 28 -11.20 -15.06 0.81
C GLU A 28 -11.52 -16.32 0.02
N GLU A 29 -11.79 -16.17 -1.28
CA GLU A 29 -12.06 -17.33 -2.12
C GLU A 29 -10.85 -18.21 -2.33
N SER A 30 -9.64 -17.66 -2.16
CA SER A 30 -8.42 -18.45 -2.31
C SER A 30 -8.07 -19.23 -1.06
N LEU A 31 -8.84 -19.10 0.02
CA LEU A 31 -8.58 -19.88 1.22
C LEU A 31 -8.73 -21.37 0.92
N ILE A 32 -8.03 -22.18 1.69
CA ILE A 32 -7.99 -23.64 1.52
C ILE A 32 -8.65 -24.29 2.72
N ASP A 33 -9.45 -25.32 2.46
CA ASP A 33 -10.13 -26.09 3.51
C ASP A 33 -10.27 -27.52 3.00
N LEU A 34 -9.13 -28.22 2.93
CA LEU A 34 -9.13 -29.59 2.43
C LEU A 34 -10.03 -30.46 3.30
N GLN A 35 -10.68 -31.43 2.66
CA GLN A 35 -11.58 -32.36 3.35
C GLN A 35 -10.87 -33.69 3.59
N ASP B 2 -14.26 35.65 4.78
CA ASP B 2 -13.10 36.08 5.56
C ASP B 2 -11.89 35.22 5.22
N ILE B 3 -10.70 35.82 5.26
CA ILE B 3 -9.47 35.08 5.02
C ILE B 3 -9.00 34.33 6.26
N SER B 4 -9.60 34.59 7.43
CA SER B 4 -9.28 33.84 8.64
C SER B 4 -10.07 32.55 8.76
N GLN B 5 -11.05 32.30 7.89
CA GLN B 5 -11.81 31.07 7.89
C GLN B 5 -11.09 29.93 7.19
N ILE B 6 -9.93 30.21 6.59
CA ILE B 6 -9.15 29.21 5.88
C ILE B 6 -8.25 28.47 6.86
N ASN B 7 -8.31 27.14 6.83
CA ASN B 7 -7.50 26.30 7.70
C ASN B 7 -7.15 25.03 6.96
N ALA B 8 -5.89 24.61 7.08
CA ALA B 8 -5.42 23.39 6.43
C ALA B 8 -5.52 22.21 7.38
N SER B 9 -6.13 21.13 6.91
CA SER B 9 -6.32 19.94 7.73
C SER B 9 -5.02 19.15 7.86
N VAL B 10 -4.92 18.42 8.97
CA VAL B 10 -3.79 17.54 9.24
C VAL B 10 -4.27 16.09 9.15
N VAL B 11 -3.36 15.20 8.73
CA VAL B 11 -3.66 13.78 8.59
C VAL B 11 -2.86 13.00 9.62
N ASN B 12 -3.44 11.88 10.06
CA ASN B 12 -2.80 11.00 11.05
C ASN B 12 -3.08 9.56 10.62
N ILE B 13 -2.08 8.92 10.03
CA ILE B 13 -2.19 7.54 9.56
C ILE B 13 -1.16 6.68 10.27
N GLU B 14 -0.80 7.07 11.49
CA GLU B 14 0.24 6.33 12.22
C GLU B 14 -0.20 4.91 12.54
N TYR B 15 -1.47 4.71 12.87
CA TYR B 15 -1.92 3.35 13.20
C TYR B 15 -1.85 2.44 12.00
N GLU B 16 -2.27 2.92 10.83
CA GLU B 16 -2.20 2.11 9.63
C GLU B 16 -0.75 1.74 9.31
N ILE B 17 0.15 2.72 9.40
CA ILE B 17 1.57 2.44 9.15
C ILE B 17 2.10 1.41 10.13
N LYS B 18 1.76 1.57 11.42
CA LYS B 18 2.20 0.60 12.42
C LYS B 18 1.67 -0.79 12.11
N LYS B 19 0.44 -0.89 11.62
CA LYS B 19 -0.13 -2.20 11.31
C LYS B 19 0.58 -2.84 10.12
N LEU B 20 1.01 -2.05 9.15
CA LEU B 20 1.74 -2.60 8.01
C LEU B 20 3.06 -3.20 8.45
N GLU B 21 3.85 -2.46 9.25
CA GLU B 21 5.11 -3.00 9.74
C GLU B 21 4.90 -4.22 10.62
N GLU B 22 3.82 -4.24 11.39
CA GLU B 22 3.56 -5.39 12.25
C GLU B 22 3.24 -6.63 11.43
N VAL B 23 2.38 -6.48 10.41
CA VAL B 23 2.05 -7.61 9.55
C VAL B 23 3.31 -8.12 8.84
N ALA B 24 4.14 -7.21 8.35
CA ALA B 24 5.38 -7.61 7.70
C ALA B 24 6.20 -8.52 8.60
N LYS B 25 6.30 -8.18 9.89
CA LYS B 25 7.07 -9.01 10.81
C LYS B 25 6.40 -10.35 11.03
N LYS B 26 5.07 -10.35 11.18
CA LYS B 26 4.38 -11.58 11.54
C LYS B 26 4.28 -12.56 10.38
N LEU B 27 4.50 -12.12 9.14
CA LEU B 27 4.46 -13.03 8.01
C LEU B 27 5.52 -14.11 8.10
N GLU B 28 6.63 -13.86 8.81
CA GLU B 28 7.64 -14.90 8.97
C GLU B 28 7.12 -16.10 9.76
N GLU B 29 6.08 -15.90 10.56
CA GLU B 29 5.48 -17.01 11.28
C GLU B 29 4.76 -17.97 10.34
N SER B 30 4.43 -17.54 9.12
CA SER B 30 3.77 -18.38 8.14
C SER B 30 4.74 -19.15 7.26
N LEU B 31 6.04 -18.89 7.36
CA LEU B 31 7.00 -19.63 6.55
C LEU B 31 6.89 -21.12 6.81
N ILE B 32 6.98 -21.91 5.75
CA ILE B 32 6.76 -23.35 5.80
C ILE B 32 8.09 -24.06 5.96
N ASP B 33 8.17 -24.96 6.92
CA ASP B 33 9.34 -25.83 7.12
C ASP B 33 8.82 -27.27 7.13
N LEU B 34 8.94 -27.94 5.99
CA LEU B 34 8.35 -29.26 5.84
C LEU B 34 9.06 -30.30 6.72
N GLN B 35 8.29 -31.28 7.16
CA GLN B 35 8.83 -32.41 7.91
C GLN B 35 9.39 -33.44 6.94
N GLU B 36 10.68 -33.75 7.05
CA GLU B 36 11.29 -34.75 6.20
C GLU B 36 10.83 -36.15 6.61
N LEU B 37 10.79 -37.06 5.64
CA LEU B 37 10.25 -38.41 5.83
C LEU B 37 11.43 -39.43 5.92
N ASN C 4 -4.53 -40.52 -3.99
CA ASN C 4 -5.95 -40.35 -4.28
C ASN C 4 -6.42 -38.98 -3.79
N VAL C 5 -6.64 -38.86 -2.49
CA VAL C 5 -7.05 -37.59 -1.91
C VAL C 5 -5.87 -36.67 -1.63
N LEU C 6 -4.65 -37.17 -1.76
CA LEU C 6 -3.46 -36.35 -1.52
C LEU C 6 -3.03 -35.62 -2.79
N TYR C 7 -2.79 -36.37 -3.89
CA TYR C 7 -2.45 -35.74 -5.15
C TYR C 7 -3.52 -34.74 -5.58
N GLU C 8 -4.79 -35.12 -5.44
CA GLU C 8 -5.88 -34.18 -5.72
C GLU C 8 -5.76 -32.93 -4.86
N ASN C 9 -5.43 -33.10 -3.58
CA ASN C 9 -5.19 -31.96 -2.71
C ASN C 9 -3.79 -31.40 -2.85
N GLN C 10 -2.85 -32.18 -3.40
CA GLN C 10 -1.52 -31.67 -3.69
C GLN C 10 -1.47 -30.80 -4.94
N LYS C 11 -2.53 -30.82 -5.76
CA LYS C 11 -2.64 -29.98 -6.94
C LYS C 11 -3.62 -28.82 -6.76
N LEU C 12 -4.55 -28.92 -5.81
CA LEU C 12 -5.50 -27.84 -5.59
C LEU C 12 -4.86 -26.69 -4.82
N ILE C 13 -3.99 -26.97 -3.87
CA ILE C 13 -3.31 -25.91 -3.15
C ILE C 13 -2.41 -25.11 -4.08
N ALA C 14 -1.94 -25.73 -5.16
CA ALA C 14 -1.14 -25.01 -6.14
C ALA C 14 -1.99 -24.02 -6.93
N ASN C 15 -3.26 -24.36 -7.16
CA ASN C 15 -4.16 -23.43 -7.84
C ASN C 15 -4.59 -22.30 -6.92
N GLN C 16 -4.95 -22.62 -5.67
CA GLN C 16 -5.32 -21.58 -4.72
C GLN C 16 -4.16 -20.64 -4.45
N PHE C 17 -2.93 -21.18 -4.42
CA PHE C 17 -1.76 -20.33 -4.22
C PHE C 17 -1.53 -19.43 -5.42
N ASN C 18 -1.64 -19.98 -6.64
CA ASN C 18 -1.39 -19.18 -7.83
C ASN C 18 -2.46 -18.11 -8.02
N SER C 19 -3.71 -18.44 -7.67
CA SER C 19 -4.77 -17.43 -7.76
C SER C 19 -4.51 -16.29 -6.78
N ALA C 20 -4.10 -16.63 -5.55
CA ALA C 20 -3.82 -15.59 -4.57
C ALA C 20 -2.65 -14.72 -5.00
N ILE C 21 -1.64 -15.31 -5.64
CA ILE C 21 -0.51 -14.52 -6.13
C ILE C 21 -0.99 -13.51 -7.17
N GLY C 22 -1.85 -13.93 -8.09
CA GLY C 22 -2.38 -13.01 -9.07
C GLY C 22 -3.12 -11.84 -8.44
N LYS C 23 -3.92 -12.12 -7.41
CA LYS C 23 -4.64 -11.06 -6.73
C LYS C 23 -3.68 -10.11 -6.02
N ILE C 24 -2.64 -10.64 -5.38
CA ILE C 24 -1.68 -9.79 -4.69
C ILE C 24 -0.97 -8.89 -5.70
N GLN C 25 -0.65 -9.43 -6.88
CA GLN C 25 0.00 -8.61 -7.90
C GLN C 25 -0.85 -7.40 -8.25
N ASP C 26 -2.15 -7.59 -8.46
CA ASP C 26 -3.02 -6.48 -8.82
C ASP C 26 -3.15 -5.47 -7.69
N SER C 27 -3.09 -5.91 -6.43
CA SER C 27 -3.14 -4.97 -5.33
C SER C 27 -1.88 -4.12 -5.27
N LEU C 28 -0.72 -4.72 -5.56
CA LEU C 28 0.52 -3.94 -5.57
C LEU C 28 0.50 -2.89 -6.67
N SER C 29 -0.02 -3.24 -7.85
CA SER C 29 -0.06 -2.29 -8.95
C SER C 29 -1.02 -1.14 -8.63
N SER C 30 -2.14 -1.43 -7.96
CA SER C 30 -3.05 -0.37 -7.55
C SER C 30 -2.43 0.49 -6.46
N THR C 31 -1.65 -0.11 -5.57
CA THR C 31 -1.00 0.67 -4.50
C THR C 31 0.06 1.61 -5.08
N ALA C 32 0.89 1.10 -5.98
CA ALA C 32 1.89 1.97 -6.61
C ALA C 32 1.23 3.04 -7.46
N SER C 33 0.11 2.71 -8.11
CA SER C 33 -0.62 3.71 -8.89
C SER C 33 -1.15 4.83 -8.00
N ALA C 34 -1.74 4.47 -6.85
CA ALA C 34 -2.28 5.48 -5.96
C ALA C 34 -1.19 6.31 -5.32
N LEU C 35 -0.07 5.68 -4.94
CA LEU C 35 1.05 6.43 -4.37
C LEU C 35 1.62 7.41 -5.39
N GLY C 36 1.68 6.99 -6.66
CA GLY C 36 2.22 7.87 -7.69
C GLY C 36 1.35 9.10 -7.93
N LYS C 37 0.04 8.92 -7.94
CA LYS C 37 -0.86 10.06 -8.12
C LYS C 37 -0.87 10.96 -6.89
N LEU C 38 -0.68 10.40 -5.69
CA LEU C 38 -0.57 11.23 -4.51
C LEU C 38 0.70 12.05 -4.52
N GLN C 39 1.82 11.44 -4.92
CA GLN C 39 3.09 12.17 -4.98
C GLN C 39 3.00 13.34 -5.95
N ASP C 40 2.35 13.14 -7.09
CA ASP C 40 2.26 14.21 -8.09
C ASP C 40 1.46 15.39 -7.56
N VAL C 41 0.26 15.12 -7.02
CA VAL C 41 -0.62 16.21 -6.60
C VAL C 41 -0.03 16.96 -5.42
N VAL C 42 0.67 16.25 -4.53
CA VAL C 42 1.28 16.91 -3.39
C VAL C 42 2.36 17.86 -3.85
N ASN C 43 3.25 17.39 -4.74
CA ASN C 43 4.35 18.23 -5.20
C ASN C 43 3.85 19.42 -6.02
N GLN C 44 2.76 19.24 -6.78
CA GLN C 44 2.21 20.35 -7.54
C GLN C 44 1.65 21.42 -6.62
N ASN C 45 0.85 21.03 -5.64
CA ASN C 45 0.30 21.98 -4.69
C ASN C 45 1.38 22.59 -3.80
N ALA C 46 2.53 21.94 -3.69
CA ALA C 46 3.63 22.50 -2.90
C ALA C 46 4.34 23.60 -3.67
N GLN C 47 4.68 23.35 -4.93
CA GLN C 47 5.30 24.38 -5.76
C GLN C 47 4.34 25.53 -6.04
N ALA C 48 3.04 25.25 -6.02
CA ALA C 48 2.06 26.33 -6.12
C ALA C 48 2.10 27.22 -4.89
N LEU C 49 2.36 26.64 -3.72
CA LEU C 49 2.51 27.44 -2.51
C LEU C 49 3.78 28.26 -2.56
N ASN C 50 4.88 27.67 -3.03
CA ASN C 50 6.13 28.41 -3.16
C ASN C 50 5.98 29.56 -4.13
N THR C 51 5.28 29.34 -5.25
CA THR C 51 5.08 30.40 -6.22
C THR C 51 4.26 31.54 -5.62
N LEU C 52 3.27 31.22 -4.80
CA LEU C 52 2.48 32.26 -4.16
C LEU C 52 3.27 32.99 -3.09
N VAL C 53 4.19 32.29 -2.41
CA VAL C 53 5.09 32.95 -1.48
C VAL C 53 6.11 33.79 -2.23
N LYS C 54 6.57 33.31 -3.38
CA LYS C 54 7.47 34.08 -4.23
C LYS C 54 6.87 35.42 -4.63
N GLN C 55 5.56 35.57 -4.53
CA GLN C 55 4.89 36.81 -4.90
C GLN C 55 4.14 37.39 -3.70
N ASP D 2 9.64 37.88 6.23
CA ASP D 2 8.51 37.28 6.93
C ASP D 2 7.94 36.12 6.12
N ILE D 3 7.17 36.44 5.08
CA ILE D 3 6.62 35.41 4.18
C ILE D 3 7.66 34.87 3.23
N SER D 4 8.82 35.54 3.09
CA SER D 4 9.87 35.01 2.24
C SER D 4 10.41 33.68 2.76
N GLN D 5 10.33 33.46 4.07
CA GLN D 5 10.84 32.23 4.68
C GLN D 5 9.91 31.04 4.50
N ILE D 6 8.67 31.26 4.05
CA ILE D 6 7.76 30.15 3.87
C ILE D 6 8.33 29.19 2.84
N ASN D 7 8.24 27.89 3.13
CA ASN D 7 8.82 26.87 2.26
C ASN D 7 8.04 25.57 2.42
N ALA D 8 7.59 25.01 1.31
CA ALA D 8 6.85 23.75 1.31
C ALA D 8 7.76 22.63 0.81
N SER D 9 7.78 21.53 1.56
CA SER D 9 8.58 20.37 1.21
C SER D 9 7.92 19.57 0.09
N VAL D 10 8.73 18.79 -0.62
CA VAL D 10 8.26 17.91 -1.69
C VAL D 10 8.59 16.48 -1.33
N VAL D 11 7.73 15.56 -1.78
CA VAL D 11 7.86 14.14 -1.50
C VAL D 11 8.75 13.49 -2.54
N ASN D 12 9.40 12.39 -2.15
CA ASN D 12 10.16 11.54 -3.07
C ASN D 12 9.95 10.09 -2.63
N ILE D 13 9.00 9.40 -3.26
CA ILE D 13 8.72 8.01 -2.94
C ILE D 13 8.88 7.15 -4.19
N GLU D 14 9.72 7.59 -5.12
CA GLU D 14 9.91 6.82 -6.35
C GLU D 14 10.53 5.45 -6.07
N TYR D 15 11.45 5.38 -5.11
CA TYR D 15 12.00 4.09 -4.73
C TYR D 15 10.89 3.13 -4.31
N GLU D 16 10.07 3.54 -3.34
CA GLU D 16 9.00 2.68 -2.87
C GLU D 16 8.03 2.34 -3.99
N ILE D 17 7.67 3.32 -4.82
CA ILE D 17 6.77 3.07 -5.93
C ILE D 17 7.38 2.05 -6.89
N LYS D 18 8.63 2.28 -7.29
CA LYS D 18 9.27 1.34 -8.19
C LYS D 18 9.47 -0.02 -7.54
N LYS D 19 9.68 -0.05 -6.22
CA LYS D 19 9.86 -1.33 -5.53
C LYS D 19 8.58 -2.15 -5.56
N LEU D 20 7.42 -1.50 -5.46
CA LEU D 20 6.17 -2.24 -5.42
C LEU D 20 5.84 -2.87 -6.77
N GLU D 21 6.25 -2.25 -7.87
CA GLU D 21 5.94 -2.79 -9.19
C GLU D 21 6.97 -3.80 -9.68
N GLU D 22 8.20 -3.76 -9.17
CA GLU D 22 9.16 -4.81 -9.50
C GLU D 22 8.90 -6.06 -8.66
N VAL D 23 8.48 -5.89 -7.41
CA VAL D 23 8.09 -7.05 -6.62
C VAL D 23 6.83 -7.66 -7.18
N ALA D 24 5.94 -6.83 -7.74
CA ALA D 24 4.77 -7.37 -8.42
C ALA D 24 5.17 -8.19 -9.65
N LYS D 25 6.24 -7.80 -10.33
CA LYS D 25 6.71 -8.58 -11.47
C LYS D 25 7.50 -9.81 -11.02
N LYS D 26 8.39 -9.64 -10.02
CA LYS D 26 9.16 -10.77 -9.53
C LYS D 26 8.30 -11.81 -8.82
N LEU D 27 7.10 -11.42 -8.38
CA LEU D 27 6.18 -12.39 -7.78
C LEU D 27 5.68 -13.39 -8.81
N GLU D 28 5.69 -13.02 -10.10
CA GLU D 28 5.35 -13.99 -11.14
C GLU D 28 6.26 -15.21 -11.07
N GLU D 29 7.54 -14.99 -10.77
CA GLU D 29 8.51 -16.08 -10.72
C GLU D 29 8.27 -17.05 -9.58
N SER D 30 7.29 -16.78 -8.71
CA SER D 30 7.02 -17.63 -7.56
C SER D 30 5.76 -18.48 -7.72
N LEU D 31 5.15 -18.49 -8.92
CA LEU D 31 3.98 -19.30 -9.15
C LEU D 31 4.38 -20.76 -9.36
N ILE D 32 3.54 -21.67 -8.89
CA ILE D 32 3.86 -23.10 -8.91
C ILE D 32 3.55 -23.67 -10.27
N ASP D 33 4.45 -24.51 -10.78
CA ASP D 33 4.28 -25.17 -12.08
C ASP D 33 4.82 -26.58 -11.95
N LEU D 34 3.91 -27.56 -11.87
CA LEU D 34 4.29 -28.96 -11.76
C LEU D 34 3.15 -29.81 -12.33
N GLN D 35 3.24 -31.12 -12.12
CA GLN D 35 2.21 -32.03 -12.58
C GLN D 35 2.36 -33.40 -11.93
N ASN E 4 0.90 -40.19 7.07
CA ASN E 4 1.20 -39.39 8.25
C ASN E 4 2.01 -38.15 7.87
N VAL E 5 3.30 -38.33 7.61
CA VAL E 5 4.17 -37.23 7.22
C VAL E 5 3.56 -36.53 6.00
N LEU E 6 3.54 -37.22 4.86
CA LEU E 6 2.95 -36.66 3.65
C LEU E 6 1.56 -36.11 3.90
N TYR E 7 0.87 -36.60 4.94
CA TYR E 7 -0.45 -36.08 5.30
C TYR E 7 -0.33 -34.89 6.24
N GLU E 8 0.29 -35.08 7.41
CA GLU E 8 0.47 -33.98 8.35
C GLU E 8 1.18 -32.81 7.69
N ASN E 9 2.17 -33.09 6.83
CA ASN E 9 2.81 -32.02 6.08
C ASN E 9 1.82 -31.32 5.15
N GLN E 10 0.82 -32.05 4.66
CA GLN E 10 -0.10 -31.47 3.68
C GLN E 10 -1.04 -30.46 4.31
N LYS E 11 -1.51 -30.73 5.53
CA LYS E 11 -2.38 -29.80 6.24
C LYS E 11 -1.60 -28.79 7.07
N LEU E 12 -0.27 -28.81 7.01
CA LEU E 12 0.52 -27.71 7.54
C LEU E 12 0.62 -26.58 6.53
N ILE E 13 0.83 -26.93 5.25
CA ILE E 13 0.90 -25.92 4.21
C ILE E 13 -0.40 -25.14 4.14
N ALA E 14 -1.53 -25.83 4.36
CA ALA E 14 -2.82 -25.16 4.30
C ALA E 14 -2.98 -24.16 5.43
N ASN E 15 -2.67 -24.57 6.66
CA ASN E 15 -2.80 -23.67 7.79
C ASN E 15 -1.85 -22.49 7.68
N GLN E 16 -0.64 -22.72 7.18
CA GLN E 16 0.30 -21.61 6.99
C GLN E 16 -0.14 -20.70 5.87
N PHE E 17 -0.68 -21.27 4.79
CA PHE E 17 -1.16 -20.46 3.68
C PHE E 17 -2.34 -19.59 4.12
N ASN E 18 -3.28 -20.17 4.88
CA ASN E 18 -4.44 -19.41 5.31
C ASN E 18 -4.05 -18.28 6.24
N SER E 19 -3.23 -18.57 7.26
CA SER E 19 -2.82 -17.52 8.18
C SER E 19 -2.08 -16.40 7.45
N ALA E 20 -1.26 -16.75 6.47
CA ALA E 20 -0.59 -15.74 5.66
C ALA E 20 -1.61 -14.90 4.91
N ILE E 21 -2.56 -15.55 4.23
CA ILE E 21 -3.58 -14.80 3.50
C ILE E 21 -4.39 -13.94 4.47
N GLY E 22 -4.68 -14.46 5.66
CA GLY E 22 -5.46 -13.70 6.62
C GLY E 22 -4.82 -12.38 6.98
N LYS E 23 -3.51 -12.37 7.21
CA LYS E 23 -2.83 -11.13 7.57
C LYS E 23 -2.51 -10.26 6.35
N ILE E 24 -2.49 -10.83 5.15
CA ILE E 24 -2.36 -10.01 3.96
C ILE E 24 -3.64 -9.21 3.72
N GLN E 25 -4.79 -9.81 3.99
CA GLN E 25 -6.04 -9.08 3.88
C GLN E 25 -6.05 -7.87 4.82
N ASP E 26 -5.53 -8.04 6.03
CA ASP E 26 -5.45 -6.91 6.96
C ASP E 26 -4.52 -5.82 6.45
N SER E 27 -3.45 -6.20 5.76
CA SER E 27 -2.54 -5.18 5.22
C SER E 27 -3.21 -4.38 4.12
N LEU E 28 -4.02 -5.03 3.29
CA LEU E 28 -4.75 -4.30 2.25
C LEU E 28 -5.75 -3.33 2.87
N SER E 29 -6.44 -3.74 3.94
CA SER E 29 -7.39 -2.87 4.60
C SER E 29 -6.69 -1.65 5.18
N SER E 30 -5.53 -1.84 5.80
CA SER E 30 -4.79 -0.71 6.36
C SER E 30 -4.32 0.24 5.27
N THR E 31 -3.90 -0.30 4.13
CA THR E 31 -3.43 0.55 3.03
C THR E 31 -4.57 1.38 2.47
N ALA E 32 -5.72 0.76 2.25
CA ALA E 32 -6.87 1.49 1.71
C ALA E 32 -7.28 2.62 2.64
N SER E 33 -7.36 2.34 3.94
CA SER E 33 -7.69 3.39 4.90
C SER E 33 -6.68 4.53 4.85
N ALA E 34 -5.39 4.19 4.80
CA ALA E 34 -4.36 5.22 4.77
C ALA E 34 -4.44 6.03 3.49
N LEU E 35 -4.65 5.37 2.35
CA LEU E 35 -4.78 6.10 1.09
C LEU E 35 -6.03 6.98 1.09
N GLY E 36 -7.11 6.51 1.72
CA GLY E 36 -8.32 7.31 1.78
C GLY E 36 -8.15 8.57 2.61
N LYS E 37 -7.48 8.45 3.77
CA LYS E 37 -7.27 9.62 4.61
C LYS E 37 -6.37 10.64 3.92
N LEU E 38 -5.35 10.17 3.21
CA LEU E 38 -4.45 11.10 2.53
C LEU E 38 -5.16 11.83 1.40
N GLN E 39 -6.03 11.13 0.68
CA GLN E 39 -6.79 11.77 -0.40
C GLN E 39 -7.66 12.89 0.14
N ASP E 40 -8.40 12.63 1.21
CA ASP E 40 -9.31 13.65 1.74
C ASP E 40 -8.55 14.87 2.24
N VAL E 41 -7.42 14.65 2.91
CA VAL E 41 -6.66 15.77 3.46
C VAL E 41 -5.98 16.57 2.34
N VAL E 42 -5.44 15.87 1.34
CA VAL E 42 -4.78 16.57 0.24
C VAL E 42 -5.77 17.44 -0.52
N ASN E 43 -6.99 16.94 -0.72
CA ASN E 43 -7.99 17.72 -1.44
C ASN E 43 -8.57 18.83 -0.58
N GLN E 44 -8.60 18.64 0.74
CA GLN E 44 -9.03 19.72 1.61
C GLN E 44 -8.01 20.85 1.61
N ASN E 45 -6.72 20.51 1.63
CA ASN E 45 -5.69 21.54 1.57
C ASN E 45 -5.57 22.13 0.17
N ALA E 46 -5.94 21.37 -0.86
CA ALA E 46 -5.95 21.92 -2.21
C ALA E 46 -7.05 22.95 -2.38
N GLN E 47 -8.25 22.64 -1.88
CA GLN E 47 -9.34 23.63 -1.94
C GLN E 47 -9.01 24.86 -1.10
N ALA E 48 -8.31 24.68 0.02
CA ALA E 48 -7.92 25.82 0.82
C ALA E 48 -6.94 26.72 0.08
N LEU E 49 -5.99 26.12 -0.62
CA LEU E 49 -5.01 26.91 -1.37
C LEU E 49 -5.69 27.70 -2.49
N ASN E 50 -6.67 27.08 -3.17
CA ASN E 50 -7.38 27.77 -4.23
C ASN E 50 -8.27 28.87 -3.67
N THR E 51 -9.00 28.58 -2.59
CA THR E 51 -9.87 29.60 -1.99
C THR E 51 -9.06 30.80 -1.51
N LEU E 52 -7.86 30.54 -0.98
CA LEU E 52 -7.01 31.64 -0.51
C LEU E 52 -6.64 32.57 -1.66
N VAL E 53 -6.01 32.02 -2.70
CA VAL E 53 -5.64 32.83 -3.85
C VAL E 53 -6.86 33.34 -4.58
N LYS E 54 -8.03 32.70 -4.39
CA LYS E 54 -9.25 33.20 -5.02
C LYS E 54 -9.72 34.49 -4.39
N GLN E 55 -9.67 34.57 -3.06
CA GLN E 55 -10.09 35.77 -2.32
C GLN E 55 -8.92 36.68 -1.99
N LEU E 56 -7.79 36.52 -2.68
CA LEU E 56 -6.62 37.37 -2.45
C LEU E 56 -6.16 37.99 -3.76
N LEU F 6 3.13 -38.51 -3.65
CA LEU F 6 2.75 -37.11 -3.73
C LEU F 6 3.53 -36.27 -2.72
N TYR F 7 4.85 -36.26 -2.88
CA TYR F 7 5.74 -35.48 -2.02
C TYR F 7 6.75 -34.64 -2.78
N GLU F 8 7.04 -34.95 -4.05
CA GLU F 8 8.02 -34.17 -4.79
C GLU F 8 7.56 -32.73 -5.00
N ASN F 9 6.25 -32.51 -5.09
CA ASN F 9 5.74 -31.16 -5.23
C ASN F 9 5.65 -30.44 -3.90
N GLN F 10 5.46 -31.19 -2.81
CA GLN F 10 5.41 -30.56 -1.49
C GLN F 10 6.66 -29.74 -1.22
N LYS F 11 7.83 -30.28 -1.56
CA LYS F 11 9.07 -29.51 -1.41
C LYS F 11 9.08 -28.29 -2.32
N LEU F 12 8.42 -28.38 -3.47
CA LEU F 12 8.38 -27.25 -4.39
C LEU F 12 7.39 -26.19 -3.92
N ILE F 13 6.24 -26.62 -3.37
CA ILE F 13 5.24 -25.67 -2.93
C ILE F 13 5.74 -24.86 -1.74
N ALA F 14 6.51 -25.49 -0.85
CA ALA F 14 6.98 -24.80 0.34
C ALA F 14 8.05 -23.76 0.00
N ASN F 15 8.97 -24.10 -0.91
CA ASN F 15 10.01 -23.16 -1.27
C ASN F 15 9.46 -21.97 -2.06
N GLN F 16 8.50 -22.23 -2.96
CA GLN F 16 7.89 -21.14 -3.70
C GLN F 16 7.05 -20.26 -2.78
N PHE F 17 6.39 -20.86 -1.79
CA PHE F 17 5.60 -20.09 -0.84
C PHE F 17 6.50 -19.17 -0.01
N ASN F 18 7.57 -19.73 0.58
CA ASN F 18 8.45 -18.93 1.42
C ASN F 18 9.11 -17.82 0.63
N SER F 19 9.46 -18.08 -0.63
CA SER F 19 10.03 -17.02 -1.46
C SER F 19 9.00 -15.92 -1.71
N ALA F 20 7.75 -16.29 -1.90
CA ALA F 20 6.70 -15.29 -2.09
C ALA F 20 6.49 -14.46 -0.84
N ILE F 21 6.59 -15.08 0.34
CA ILE F 21 6.41 -14.34 1.59
C ILE F 21 7.50 -13.29 1.74
N GLY F 22 8.75 -13.67 1.51
CA GLY F 22 9.84 -12.71 1.61
C GLY F 22 9.64 -11.51 0.72
N LYS F 23 9.15 -11.73 -0.51
CA LYS F 23 8.90 -10.62 -1.41
C LYS F 23 7.74 -9.76 -0.93
N ILE F 24 6.73 -10.38 -0.32
CA ILE F 24 5.60 -9.60 0.20
C ILE F 24 6.01 -8.79 1.41
N GLN F 25 6.91 -9.33 2.24
CA GLN F 25 7.46 -8.54 3.34
C GLN F 25 8.08 -7.24 2.83
N ASP F 26 8.90 -7.34 1.77
CA ASP F 26 9.55 -6.15 1.25
C ASP F 26 8.54 -5.15 0.70
N SER F 27 7.48 -5.65 0.06
CA SER F 27 6.46 -4.75 -0.47
C SER F 27 5.72 -4.00 0.64
N LEU F 28 5.44 -4.70 1.74
CA LEU F 28 4.76 -4.04 2.86
C LEU F 28 5.66 -3.00 3.50
N SER F 29 6.96 -3.27 3.60
CA SER F 29 7.88 -2.29 4.16
C SER F 29 7.94 -1.03 3.29
N SER F 30 7.98 -1.21 1.97
CA SER F 30 8.02 -0.06 1.08
C SER F 30 6.70 0.73 1.14
N THR F 31 5.58 0.05 1.32
CA THR F 31 4.30 0.76 1.43
C THR F 31 4.26 1.61 2.69
N ALA F 32 4.68 1.05 3.82
CA ALA F 32 4.69 1.81 5.07
C ALA F 32 5.65 3.00 4.97
N SER F 33 6.80 2.80 4.34
CA SER F 33 7.76 3.89 4.18
C SER F 33 7.17 5.01 3.34
N ALA F 34 6.54 4.67 2.22
CA ALA F 34 5.96 5.70 1.35
C ALA F 34 4.84 6.45 2.05
N LEU F 35 3.99 5.74 2.79
CA LEU F 35 2.91 6.40 3.50
C LEU F 35 3.46 7.33 4.59
N GLY F 36 4.54 6.93 5.24
CA GLY F 36 5.14 7.79 6.25
C GLY F 36 5.70 9.07 5.66
N LYS F 37 6.31 8.98 4.47
CA LYS F 37 6.84 10.17 3.82
C LYS F 37 5.73 11.11 3.38
N LEU F 38 4.66 10.56 2.79
CA LEU F 38 3.55 11.39 2.37
C LEU F 38 2.91 12.11 3.56
N GLN F 39 2.78 11.42 4.68
CA GLN F 39 2.18 12.03 5.87
C GLN F 39 3.00 13.23 6.34
N ASP F 40 4.32 13.09 6.38
CA ASP F 40 5.16 14.17 6.88
C ASP F 40 5.04 15.42 6.00
N VAL F 41 5.19 15.24 4.69
CA VAL F 41 5.17 16.39 3.78
C VAL F 41 3.79 17.04 3.77
N VAL F 42 2.74 16.22 3.73
CA VAL F 42 1.38 16.77 3.71
C VAL F 42 1.14 17.62 4.94
N ASN F 43 1.63 17.16 6.10
CA ASN F 43 1.47 17.95 7.32
C ASN F 43 2.44 19.13 7.35
N GLN F 44 3.65 18.95 6.84
CA GLN F 44 4.60 20.06 6.78
C GLN F 44 4.16 21.11 5.78
N ASN F 45 3.43 20.71 4.73
CA ASN F 45 2.85 21.68 3.81
C ASN F 45 1.54 22.25 4.35
N ALA F 46 0.89 21.58 5.29
CA ALA F 46 -0.32 22.12 5.88
C ALA F 46 -0.02 23.24 6.85
N GLN F 47 1.11 23.17 7.57
CA GLN F 47 1.48 24.25 8.46
C GLN F 47 2.06 25.44 7.72
N ALA F 48 2.75 25.18 6.59
CA ALA F 48 3.24 26.29 5.77
C ALA F 48 2.09 27.14 5.25
N LEU F 49 0.93 26.52 5.01
CA LEU F 49 -0.23 27.28 4.56
C LEU F 49 -0.91 27.99 5.71
N ASN F 50 -1.01 27.34 6.87
CA ASN F 50 -1.63 27.98 8.03
C ASN F 50 -0.83 29.19 8.49
N THR F 51 0.49 29.02 8.62
CA THR F 51 1.33 30.15 9.02
C THR F 51 1.31 31.26 7.98
N LEU F 52 1.06 30.91 6.71
CA LEU F 52 0.90 31.94 5.69
C LEU F 52 -0.33 32.79 5.95
N VAL F 53 -1.40 32.17 6.46
CA VAL F 53 -2.56 32.94 6.91
C VAL F 53 -2.25 33.68 8.21
N LYS F 54 -1.27 33.20 8.98
CA LYS F 54 -0.87 33.89 10.20
C LYS F 54 -0.13 35.19 9.91
N GLN F 55 0.50 35.31 8.74
CA GLN F 55 1.20 36.52 8.34
C GLN F 55 0.41 37.28 7.27
N LEU F 56 -0.92 37.14 7.29
CA LEU F 56 -1.77 37.83 6.32
C LEU F 56 -3.21 37.86 6.79
#